data_2YYK
#
_entry.id   2YYK
#
_cell.length_a   91.819
_cell.length_b   99.612
_cell.length_c   131.091
_cell.angle_alpha   90.00
_cell.angle_beta   90.00
_cell.angle_gamma   90.00
#
_symmetry.space_group_name_H-M   'I 2 2 2'
#
loop_
_entity.id
_entity.type
_entity.pdbx_description
1 polymer 4-hydroxyphenylacetate-3-hydroxylase
2 non-polymer 'SODIUM ION'
3 non-polymer 'ACETIC ACID'
4 non-polymer GLYCEROL
5 water water
#
_entity_poly.entity_id   1
_entity_poly.type   'polypeptide(L)'
_entity_poly.pdbx_seq_one_letter_code
;MARTGAEYIEALKTRPPNLWYKGEKVEDPTTHPVFRGIVRTMAALYDLQHDPRYREVLTYEEEGKRHGMSFLIPKTKEDL
KRRGQAYKLWADQNLGMMGRSPDYLNAVVMAYAASADYFGEFAENVRNYYRYLRDQDLATTHALTNPQVNRARPPSGQPD
PYIPVGVVKQTEKGIVVRGARMTATFPLADEVLIFPSILLQAGSEKYALAFALPTSTPGLHFVCREALVGGDSPFDHPLS
SRVEEMDCLVIFDDVLVPWERVFILGNVELCNNAYGATGALNHMAHQVVALKTAKTEAFLGVAALMAEGIGADVYGHVQE
KIAEIIVYLEAMRAFWTRAEEEAKENAYGLLVPDRGALDGARNLYPRLYPRIREILEQIGASGLITLPSEKDFKGPLGPF
LEKFLQGAALEAKERVALFRLAWDMTLSGFGARQELYERFFFGDPVRMYQTLYNVYNKEPYKERIHAFLKESLKVFEEVQ
A
;
_entity_poly.pdbx_strand_id   A
#
# COMPACT_ATOMS: atom_id res chain seq x y z
N ALA A 2 -10.45 12.31 -12.13
CA ALA A 2 -10.65 13.72 -12.55
C ALA A 2 -9.34 14.49 -12.68
N ARG A 3 -8.42 14.28 -11.75
CA ARG A 3 -7.13 14.98 -11.77
C ARG A 3 -6.21 14.50 -12.90
N THR A 4 -5.43 15.43 -13.46
CA THR A 4 -4.48 15.09 -14.51
C THR A 4 -3.11 15.05 -13.87
N GLY A 5 -2.15 14.44 -14.57
CA GLY A 5 -0.80 14.38 -14.04
C GLY A 5 -0.20 15.76 -13.89
N ALA A 6 -0.52 16.64 -14.85
CA ALA A 6 -0.01 18.00 -14.82
C ALA A 6 -0.49 18.76 -13.58
N GLU A 7 -1.75 18.56 -13.22
CA GLU A 7 -2.31 19.22 -12.05
C GLU A 7 -1.63 18.75 -10.77
N TYR A 8 -1.33 17.46 -10.71
CA TYR A 8 -0.67 16.88 -9.55
C TYR A 8 0.74 17.44 -9.42
N ILE A 9 1.47 17.48 -10.53
CA ILE A 9 2.84 18.00 -10.53
C ILE A 9 2.87 19.47 -10.11
N GLU A 10 1.93 20.25 -10.66
CA GLU A 10 1.87 21.68 -10.34
C GLU A 10 1.57 21.89 -8.85
N ALA A 11 0.71 21.03 -8.31
CA ALA A 11 0.31 21.11 -6.90
C ALA A 11 1.49 20.87 -5.96
N LEU A 12 2.29 19.85 -6.25
CA LEU A 12 3.45 19.55 -5.40
C LEU A 12 4.54 20.61 -5.56
N LYS A 13 4.62 21.21 -6.75
CA LYS A 13 5.63 22.23 -6.99
C LYS A 13 5.26 23.54 -6.31
N THR A 14 3.96 23.85 -6.31
CA THR A 14 3.45 25.07 -5.70
C THR A 14 3.42 25.00 -4.18
N ARG A 15 2.89 23.89 -3.66
CA ARG A 15 2.78 23.66 -2.23
C ARG A 15 3.35 22.28 -1.93
N PRO A 16 4.68 22.17 -1.92
CA PRO A 16 5.35 20.88 -1.66
C PRO A 16 5.24 20.38 -0.24
N PRO A 17 5.24 19.05 -0.07
CA PRO A 17 5.16 18.48 1.27
C PRO A 17 6.41 18.93 2.01
N ASN A 18 6.32 19.09 3.32
CA ASN A 18 7.49 19.53 4.11
C ASN A 18 8.49 18.39 4.22
N LEU A 19 9.13 18.06 3.10
CA LEU A 19 10.11 16.98 3.04
C LEU A 19 11.54 17.39 3.33
N TRP A 20 12.26 16.52 4.04
CA TRP A 20 13.67 16.74 4.36
C TRP A 20 14.45 15.53 3.89
N TYR A 21 15.58 15.78 3.24
CA TYR A 21 16.43 14.70 2.75
C TYR A 21 17.86 14.98 3.14
N LYS A 22 18.43 14.10 3.97
CA LYS A 22 19.80 14.22 4.43
C LYS A 22 20.12 15.60 5.03
N GLY A 23 19.27 16.03 5.96
CA GLY A 23 19.48 17.29 6.65
C GLY A 23 19.11 18.56 5.91
N GLU A 24 18.47 18.44 4.75
CA GLU A 24 18.09 19.62 3.98
C GLU A 24 16.66 19.57 3.48
N LYS A 25 16.01 20.73 3.45
CA LYS A 25 14.63 20.82 2.97
C LYS A 25 14.61 20.57 1.47
N VAL A 26 13.59 19.87 1.00
CA VAL A 26 13.43 19.59 -0.42
C VAL A 26 12.51 20.67 -0.99
N GLU A 27 13.08 21.57 -1.78
CA GLU A 27 12.32 22.67 -2.34
C GLU A 27 11.34 22.28 -3.46
N ASP A 28 11.75 21.35 -4.31
CA ASP A 28 10.88 20.92 -5.41
C ASP A 28 11.03 19.42 -5.66
N PRO A 29 10.15 18.60 -5.06
CA PRO A 29 10.24 17.15 -5.26
C PRO A 29 10.00 16.70 -6.69
N THR A 30 9.36 17.55 -7.50
CA THR A 30 9.07 17.17 -8.89
C THR A 30 10.33 17.17 -9.74
N THR A 31 11.39 17.83 -9.28
CA THR A 31 12.64 17.88 -10.02
C THR A 31 13.83 17.26 -9.26
N HIS A 32 13.67 17.08 -7.96
CA HIS A 32 14.73 16.51 -7.13
C HIS A 32 15.00 15.08 -7.62
N PRO A 33 16.29 14.71 -7.81
CA PRO A 33 16.65 13.38 -8.28
C PRO A 33 16.13 12.20 -7.47
N VAL A 34 15.88 12.42 -6.18
CA VAL A 34 15.39 11.36 -5.32
C VAL A 34 13.89 11.11 -5.44
N PHE A 35 13.14 12.15 -5.81
CA PHE A 35 11.69 12.03 -5.90
C PHE A 35 11.02 12.21 -7.25
N ARG A 36 11.73 12.78 -8.23
CA ARG A 36 11.10 13.02 -9.52
C ARG A 36 10.56 11.77 -10.22
N GLY A 37 11.17 10.62 -9.95
CA GLY A 37 10.71 9.39 -10.56
C GLY A 37 9.33 8.96 -10.11
N ILE A 38 9.12 8.87 -8.81
CA ILE A 38 7.82 8.46 -8.30
C ILE A 38 6.77 9.54 -8.61
N VAL A 39 7.18 10.80 -8.61
CA VAL A 39 6.24 11.87 -8.92
C VAL A 39 5.70 11.67 -10.34
N ARG A 40 6.60 11.39 -11.27
CA ARG A 40 6.23 11.16 -12.66
C ARG A 40 5.31 9.94 -12.76
N THR A 41 5.60 8.92 -11.96
CA THR A 41 4.79 7.70 -11.96
C THR A 41 3.37 7.96 -11.49
N MET A 42 3.23 8.71 -10.40
CA MET A 42 1.90 9.02 -9.87
C MET A 42 1.18 9.89 -10.90
N ALA A 43 1.92 10.80 -11.53
CA ALA A 43 1.35 11.66 -12.55
C ALA A 43 0.78 10.82 -13.68
N ALA A 44 1.52 9.79 -14.06
CA ALA A 44 1.07 8.90 -15.13
C ALA A 44 -0.19 8.14 -14.72
N LEU A 45 -0.30 7.79 -13.44
CA LEU A 45 -1.50 7.10 -12.98
C LEU A 45 -2.71 8.02 -13.13
N TYR A 46 -2.52 9.30 -12.81
CA TYR A 46 -3.60 10.27 -12.94
C TYR A 46 -3.97 10.47 -14.41
N ASP A 47 -2.97 10.56 -15.27
CA ASP A 47 -3.22 10.77 -16.69
C ASP A 47 -3.99 9.62 -17.33
N LEU A 48 -3.75 8.40 -16.86
CA LEU A 48 -4.41 7.24 -17.41
C LEU A 48 -5.93 7.36 -17.27
N GLN A 49 -6.37 8.12 -16.28
CA GLN A 49 -7.80 8.32 -16.03
C GLN A 49 -8.47 9.05 -17.18
N HIS A 50 -7.68 9.74 -17.99
CA HIS A 50 -8.23 10.49 -19.11
C HIS A 50 -8.03 9.81 -20.46
N ASP A 51 -7.44 8.63 -20.45
CA ASP A 51 -7.25 7.87 -21.67
C ASP A 51 -8.62 7.25 -21.95
N PRO A 52 -9.18 7.48 -23.14
CA PRO A 52 -10.50 6.93 -23.45
C PRO A 52 -10.62 5.42 -23.24
N ARG A 53 -9.53 4.69 -23.48
CA ARG A 53 -9.54 3.25 -23.33
C ARG A 53 -9.80 2.82 -21.89
N TYR A 54 -9.39 3.67 -20.93
CA TYR A 54 -9.53 3.34 -19.52
C TYR A 54 -10.45 4.25 -18.70
N ARG A 55 -11.05 5.24 -19.35
CA ARG A 55 -11.93 6.19 -18.67
C ARG A 55 -13.04 5.50 -17.86
N GLU A 56 -13.72 4.53 -18.47
CA GLU A 56 -14.81 3.83 -17.80
C GLU A 56 -14.35 2.91 -16.68
N VAL A 57 -13.10 2.47 -16.76
CA VAL A 57 -12.55 1.58 -15.72
C VAL A 57 -12.06 2.39 -14.53
N LEU A 58 -11.42 3.52 -14.81
CA LEU A 58 -10.83 4.36 -13.77
C LEU A 58 -11.66 5.50 -13.20
N THR A 59 -12.76 5.87 -13.86
CA THR A 59 -13.57 6.96 -13.36
C THR A 59 -15.05 6.69 -13.55
N TYR A 60 -15.88 7.47 -12.84
CA TYR A 60 -17.32 7.36 -12.97
C TYR A 60 -17.86 8.78 -13.03
N GLU A 61 -18.99 8.94 -13.70
CA GLU A 61 -19.58 10.27 -13.83
C GLU A 61 -20.68 10.49 -12.81
N GLU A 62 -20.75 11.71 -12.29
CA GLU A 62 -21.76 12.06 -11.30
C GLU A 62 -22.06 13.56 -11.37
N GLU A 63 -23.27 13.88 -11.84
CA GLU A 63 -23.71 15.26 -11.94
C GLU A 63 -22.79 16.13 -12.79
N GLY A 64 -22.41 15.63 -13.96
CA GLY A 64 -21.56 16.38 -14.86
C GLY A 64 -20.07 16.35 -14.56
N LYS A 65 -19.68 15.69 -13.48
CA LYS A 65 -18.27 15.60 -13.12
C LYS A 65 -17.82 14.15 -13.17
N ARG A 66 -16.52 13.93 -13.30
CA ARG A 66 -15.97 12.58 -13.32
C ARG A 66 -15.01 12.45 -12.14
N HIS A 67 -15.16 11.37 -11.38
CA HIS A 67 -14.31 11.14 -10.21
C HIS A 67 -13.57 9.82 -10.31
N GLY A 68 -12.49 9.70 -9.55
CA GLY A 68 -11.71 8.46 -9.55
C GLY A 68 -12.55 7.34 -8.97
N MET A 69 -12.44 6.15 -9.58
CA MET A 69 -13.22 5.00 -9.14
C MET A 69 -13.03 4.63 -7.67
N SER A 70 -11.86 4.93 -7.11
CA SER A 70 -11.62 4.58 -5.72
C SER A 70 -12.45 5.39 -4.72
N PHE A 71 -13.23 6.34 -5.24
CA PHE A 71 -14.10 7.17 -4.40
C PHE A 71 -15.54 6.68 -4.46
N LEU A 72 -15.83 5.81 -5.43
CA LEU A 72 -17.19 5.29 -5.60
C LEU A 72 -17.71 4.54 -4.39
N ILE A 73 -18.86 4.97 -3.87
CA ILE A 73 -19.47 4.26 -2.75
C ILE A 73 -20.27 3.17 -3.45
N PRO A 74 -19.81 1.91 -3.34
CA PRO A 74 -20.47 0.78 -3.98
C PRO A 74 -21.82 0.39 -3.39
N LYS A 75 -22.81 0.22 -4.26
CA LYS A 75 -24.16 -0.16 -3.83
C LYS A 75 -24.46 -1.61 -4.19
N THR A 76 -23.79 -2.10 -5.22
CA THR A 76 -23.97 -3.47 -5.69
C THR A 76 -22.65 -4.21 -5.83
N LYS A 77 -22.71 -5.53 -5.99
CA LYS A 77 -21.49 -6.31 -6.14
C LYS A 77 -20.78 -5.89 -7.42
N GLU A 78 -21.57 -5.45 -8.41
CA GLU A 78 -20.99 -4.98 -9.67
C GLU A 78 -20.13 -3.76 -9.39
N ASP A 79 -20.60 -2.88 -8.50
CA ASP A 79 -19.83 -1.68 -8.15
C ASP A 79 -18.53 -2.11 -7.50
N LEU A 80 -18.59 -3.13 -6.66
CA LEU A 80 -17.39 -3.64 -5.99
C LEU A 80 -16.41 -4.13 -7.04
N LYS A 81 -16.93 -4.84 -8.04
CA LYS A 81 -16.10 -5.36 -9.11
C LYS A 81 -15.44 -4.21 -9.85
N ARG A 82 -16.19 -3.13 -10.07
CA ARG A 82 -15.64 -1.96 -10.76
C ARG A 82 -14.48 -1.38 -9.95
N ARG A 83 -14.64 -1.27 -8.64
CA ARG A 83 -13.57 -0.74 -7.80
C ARG A 83 -12.35 -1.65 -7.92
N GLY A 84 -12.58 -2.96 -7.91
CA GLY A 84 -11.48 -3.91 -8.02
C GLY A 84 -10.72 -3.80 -9.34
N GLN A 85 -11.46 -3.60 -10.44
CA GLN A 85 -10.83 -3.48 -11.75
C GLN A 85 -9.95 -2.24 -11.83
N ALA A 86 -10.37 -1.18 -11.15
CA ALA A 86 -9.59 0.05 -11.12
C ALA A 86 -8.32 -0.17 -10.30
N TYR A 87 -8.46 -0.86 -9.16
CA TYR A 87 -7.29 -1.14 -8.33
C TYR A 87 -6.27 -1.90 -9.17
N LYS A 88 -6.77 -2.91 -9.87
CA LYS A 88 -5.93 -3.76 -10.70
C LYS A 88 -5.24 -3.05 -11.86
N LEU A 89 -5.99 -2.23 -12.60
CA LEU A 89 -5.38 -1.52 -13.72
C LEU A 89 -4.25 -0.61 -13.27
N TRP A 90 -4.48 0.16 -12.21
CA TRP A 90 -3.44 1.03 -11.69
C TRP A 90 -2.24 0.19 -11.22
N ALA A 91 -2.51 -0.87 -10.47
CA ALA A 91 -1.43 -1.72 -9.97
C ALA A 91 -0.56 -2.26 -11.09
N ASP A 92 -1.19 -2.74 -12.16
CA ASP A 92 -0.47 -3.31 -13.30
C ASP A 92 0.52 -2.37 -13.96
N GLN A 93 0.26 -1.06 -13.90
CA GLN A 93 1.15 -0.10 -14.53
C GLN A 93 2.56 -0.15 -13.94
N ASN A 94 2.65 -0.51 -12.67
CA ASN A 94 3.94 -0.56 -11.99
C ASN A 94 4.28 -1.94 -11.46
N LEU A 95 3.72 -2.97 -12.12
CA LEU A 95 3.96 -4.36 -11.77
C LEU A 95 3.67 -4.67 -10.30
N GLY A 96 2.70 -3.96 -9.73
CA GLY A 96 2.32 -4.17 -8.34
C GLY A 96 3.39 -3.76 -7.35
N MET A 97 4.35 -2.97 -7.79
CA MET A 97 5.44 -2.50 -6.95
C MET A 97 5.15 -1.24 -6.16
N MET A 98 4.14 -0.48 -6.57
CA MET A 98 3.78 0.72 -5.83
C MET A 98 2.76 0.24 -4.82
N GLY A 99 3.17 0.19 -3.56
CA GLY A 99 2.28 -0.34 -2.53
C GLY A 99 1.38 0.63 -1.80
N ARG A 100 1.62 1.92 -1.94
CA ARG A 100 0.78 2.89 -1.24
C ARG A 100 0.22 3.96 -2.18
N SER A 101 -0.24 3.54 -3.35
CA SER A 101 -0.86 4.50 -4.27
C SER A 101 -2.09 5.00 -3.50
N PRO A 102 -2.48 6.26 -3.70
CA PRO A 102 -3.64 6.85 -3.01
C PRO A 102 -4.98 6.14 -3.00
N ASP A 103 -5.26 5.30 -4.01
CA ASP A 103 -6.54 4.61 -4.02
C ASP A 103 -6.78 3.70 -2.82
N TYR A 104 -5.72 3.25 -2.16
CA TYR A 104 -5.93 2.39 -1.00
C TYR A 104 -6.46 3.22 0.17
N LEU A 105 -6.04 4.49 0.25
CA LEU A 105 -6.54 5.35 1.32
C LEU A 105 -7.88 5.97 0.92
N ASN A 106 -8.11 6.15 -0.38
CA ASN A 106 -9.41 6.68 -0.79
C ASN A 106 -10.44 5.63 -0.40
N ALA A 107 -10.04 4.36 -0.42
CA ALA A 107 -10.93 3.28 -0.03
C ALA A 107 -11.31 3.45 1.44
N VAL A 108 -10.34 3.83 2.26
CA VAL A 108 -10.57 4.06 3.69
C VAL A 108 -11.50 5.24 3.92
N VAL A 109 -11.21 6.36 3.25
CA VAL A 109 -12.02 7.56 3.43
C VAL A 109 -13.42 7.39 2.87
N MET A 110 -13.54 6.63 1.79
CA MET A 110 -14.85 6.35 1.20
C MET A 110 -15.70 5.60 2.22
N ALA A 111 -15.11 4.58 2.84
CA ALA A 111 -15.83 3.80 3.85
C ALA A 111 -16.18 4.64 5.07
N TYR A 112 -15.25 5.49 5.50
CA TYR A 112 -15.48 6.36 6.65
C TYR A 112 -16.71 7.23 6.36
N ALA A 113 -16.75 7.79 5.16
CA ALA A 113 -17.86 8.67 4.76
C ALA A 113 -19.19 7.94 4.66
N ALA A 114 -19.19 6.75 4.04
CA ALA A 114 -20.45 6.01 3.93
C ALA A 114 -20.93 5.65 5.33
N SER A 115 -19.99 5.37 6.23
CA SER A 115 -20.31 5.00 7.60
C SER A 115 -20.09 6.17 8.54
N ALA A 116 -20.26 7.39 8.02
CA ALA A 116 -20.02 8.62 8.80
C ALA A 116 -20.73 8.73 10.15
N ASP A 117 -21.92 8.12 10.28
CA ASP A 117 -22.66 8.20 11.54
C ASP A 117 -21.78 7.68 12.70
N TYR A 118 -20.87 6.77 12.37
CA TYR A 118 -19.97 6.19 13.35
C TYR A 118 -19.21 7.26 14.14
N PHE A 119 -18.89 8.35 13.47
CA PHE A 119 -18.11 9.44 14.06
C PHE A 119 -18.89 10.47 14.88
N GLY A 120 -20.18 10.26 15.04
CA GLY A 120 -20.99 11.18 15.84
C GLY A 120 -20.95 12.64 15.41
N GLU A 121 -20.55 13.51 16.34
CA GLU A 121 -20.49 14.94 16.08
C GLU A 121 -19.52 15.31 14.95
N PHE A 122 -18.56 14.43 14.68
CA PHE A 122 -17.58 14.69 13.63
C PHE A 122 -17.97 14.06 12.29
N ALA A 123 -19.19 13.52 12.22
CA ALA A 123 -19.66 12.88 11.00
C ALA A 123 -19.63 13.80 9.78
N GLU A 124 -20.09 15.04 9.92
CA GLU A 124 -20.09 15.96 8.78
C GLU A 124 -18.68 16.29 8.35
N ASN A 125 -17.75 16.34 9.30
CA ASN A 125 -16.35 16.62 8.98
C ASN A 125 -15.85 15.53 8.05
N VAL A 126 -16.19 14.28 8.38
CA VAL A 126 -15.77 13.14 7.57
C VAL A 126 -16.37 13.19 6.17
N ARG A 127 -17.68 13.45 6.08
CA ARG A 127 -18.34 13.50 4.79
C ARG A 127 -17.74 14.62 3.93
N ASN A 128 -17.48 15.78 4.53
CA ASN A 128 -16.92 16.90 3.79
C ASN A 128 -15.49 16.63 3.34
N TYR A 129 -14.71 15.92 4.15
CA TYR A 129 -13.34 15.62 3.78
C TYR A 129 -13.33 14.65 2.60
N TYR A 130 -14.25 13.69 2.64
CA TYR A 130 -14.37 12.72 1.55
C TYR A 130 -14.67 13.46 0.27
N ARG A 131 -15.62 14.39 0.32
CA ARG A 131 -16.00 15.16 -0.86
C ARG A 131 -14.83 16.00 -1.38
N TYR A 132 -14.04 16.55 -0.46
CA TYR A 132 -12.88 17.35 -0.81
C TYR A 132 -11.85 16.51 -1.57
N LEU A 133 -11.47 15.37 -0.98
CA LEU A 133 -10.51 14.49 -1.63
C LEU A 133 -11.03 14.00 -2.98
N ARG A 134 -12.31 13.65 -3.02
CA ARG A 134 -12.92 13.16 -4.24
C ARG A 134 -12.95 14.23 -5.33
N ASP A 135 -13.52 15.39 -5.00
CA ASP A 135 -13.64 16.48 -5.96
C ASP A 135 -12.30 16.98 -6.50
N GLN A 136 -11.32 17.16 -5.62
CA GLN A 136 -10.01 17.62 -6.03
C GLN A 136 -9.10 16.47 -6.46
N ASP A 137 -9.55 15.25 -6.22
CA ASP A 137 -8.80 14.04 -6.57
C ASP A 137 -7.37 14.10 -6.03
N LEU A 138 -7.26 14.42 -4.75
CA LEU A 138 -5.96 14.56 -4.10
C LEU A 138 -5.31 13.25 -3.68
N ALA A 139 -4.00 13.32 -3.46
CA ALA A 139 -3.20 12.17 -3.05
C ALA A 139 -2.99 12.23 -1.54
N THR A 140 -3.04 11.08 -0.88
CA THR A 140 -2.88 11.01 0.56
C THR A 140 -1.82 10.00 0.98
N THR A 141 -1.31 10.19 2.19
CA THR A 141 -0.34 9.27 2.77
C THR A 141 -0.77 9.11 4.24
N HIS A 142 -0.48 7.94 4.82
CA HIS A 142 -0.85 7.63 6.19
C HIS A 142 0.37 7.62 7.11
N ALA A 143 0.30 8.39 8.19
CA ALA A 143 1.39 8.45 9.15
C ALA A 143 1.03 7.52 10.31
N LEU A 144 1.81 6.46 10.50
CA LEU A 144 1.51 5.51 11.56
C LEU A 144 2.72 5.06 12.38
N THR A 145 2.42 4.33 13.47
CA THR A 145 3.40 3.77 14.40
C THR A 145 3.97 4.77 15.39
N ASN A 146 4.03 4.34 16.65
CA ASN A 146 4.54 5.19 17.73
C ASN A 146 6.03 5.06 17.97
N PRO A 147 6.66 6.12 18.49
CA PRO A 147 8.10 6.10 18.79
C PRO A 147 8.24 5.36 20.11
N GLN A 148 9.47 5.10 20.52
CA GLN A 148 9.72 4.46 21.80
C GLN A 148 10.43 5.50 22.65
N VAL A 149 10.54 5.22 23.95
CA VAL A 149 11.23 6.13 24.85
C VAL A 149 12.27 5.35 25.63
N ASN A 150 13.50 5.85 25.67
CA ASN A 150 14.58 5.18 26.39
C ASN A 150 14.35 5.26 27.89
N ARG A 151 13.92 4.14 28.48
CA ARG A 151 13.67 4.12 29.91
C ARG A 151 14.86 3.59 30.70
N ALA A 152 16.02 3.67 30.09
CA ALA A 152 17.27 3.26 30.71
C ALA A 152 17.95 4.55 31.15
N ARG A 153 17.44 5.67 30.64
CA ARG A 153 17.96 7.00 30.97
C ARG A 153 17.93 7.21 32.48
N GLN A 158 8.34 16.30 34.95
CA GLN A 158 7.79 14.99 34.64
C GLN A 158 8.16 14.57 33.22
N PRO A 159 7.98 13.28 32.88
CA PRO A 159 8.31 12.83 31.53
C PRO A 159 7.49 13.57 30.47
N ASP A 160 8.04 13.63 29.26
CA ASP A 160 7.38 14.31 28.15
C ASP A 160 6.23 13.43 27.65
N PRO A 161 4.98 13.88 27.84
CA PRO A 161 3.85 13.08 27.37
C PRO A 161 3.58 13.18 25.88
N TYR A 162 4.44 13.89 25.15
CA TYR A 162 4.24 14.06 23.73
C TYR A 162 5.30 13.46 22.80
N ILE A 163 5.65 12.20 23.03
CA ILE A 163 6.60 11.52 22.16
C ILE A 163 5.68 11.02 21.05
N PRO A 164 4.63 10.25 21.41
CA PRO A 164 3.73 9.79 20.35
C PRO A 164 2.82 11.00 20.13
N VAL A 165 2.09 11.04 19.01
CA VAL A 165 1.23 12.19 18.74
C VAL A 165 0.07 12.32 19.74
N GLY A 166 0.06 13.45 20.46
CA GLY A 166 -0.99 13.68 21.43
C GLY A 166 -1.50 15.12 21.39
N VAL A 167 -2.66 15.36 21.98
CA VAL A 167 -3.24 16.70 21.99
C VAL A 167 -2.65 17.53 23.12
N VAL A 168 -2.02 18.64 22.77
CA VAL A 168 -1.42 19.54 23.75
C VAL A 168 -2.50 20.44 24.34
N LYS A 169 -3.36 20.94 23.47
CA LYS A 169 -4.45 21.82 23.89
C LYS A 169 -5.54 21.93 22.85
N GLN A 170 -6.70 22.41 23.28
CA GLN A 170 -7.84 22.58 22.41
C GLN A 170 -8.22 24.06 22.46
N THR A 171 -8.45 24.66 21.30
CA THR A 171 -8.79 26.08 21.21
C THR A 171 -10.06 26.26 20.39
N GLU A 172 -10.44 27.52 20.15
CA GLU A 172 -11.64 27.79 19.36
C GLU A 172 -11.41 27.46 17.90
N LYS A 173 -10.15 27.41 17.48
CA LYS A 173 -9.81 27.11 16.10
C LYS A 173 -9.64 25.62 15.83
N GLY A 174 -9.20 24.88 16.85
CA GLY A 174 -9.02 23.45 16.68
C GLY A 174 -8.15 22.88 17.79
N ILE A 175 -7.34 21.89 17.44
CA ILE A 175 -6.46 21.28 18.44
C ILE A 175 -5.00 21.41 18.03
N VAL A 176 -4.12 21.47 19.03
CA VAL A 176 -2.69 21.57 18.79
C VAL A 176 -2.11 20.22 19.17
N VAL A 177 -1.41 19.59 18.24
CA VAL A 177 -0.81 18.28 18.50
C VAL A 177 0.70 18.32 18.47
N ARG A 178 1.32 17.41 19.22
CA ARG A 178 2.77 17.32 19.30
C ARG A 178 3.16 15.86 19.44
N GLY A 179 4.24 15.46 18.78
CA GLY A 179 4.71 14.09 18.84
C GLY A 179 5.16 13.61 17.48
N ALA A 180 5.31 12.29 17.32
CA ALA A 180 5.74 11.78 16.02
C ALA A 180 5.14 10.43 15.66
N ARG A 181 5.13 10.17 14.36
CA ARG A 181 4.65 8.90 13.80
C ARG A 181 5.93 8.40 13.11
N MET A 182 6.25 7.13 13.31
CA MET A 182 7.47 6.59 12.75
C MET A 182 7.51 6.34 11.26
N THR A 183 6.35 6.16 10.64
CA THR A 183 6.32 5.85 9.22
C THR A 183 5.21 6.50 8.39
N ALA A 184 5.61 6.96 7.21
CA ALA A 184 4.69 7.53 6.23
C ALA A 184 5.33 7.14 4.90
N THR A 185 4.67 6.27 4.15
CA THR A 185 5.18 5.82 2.86
C THR A 185 4.46 6.60 1.76
N PHE A 186 5.22 7.00 0.73
CA PHE A 186 4.73 7.80 -0.39
C PHE A 186 4.28 9.17 0.11
N PRO A 187 5.23 9.98 0.60
CA PRO A 187 4.93 11.33 1.11
C PRO A 187 4.75 12.37 0.01
N LEU A 188 4.78 11.95 -1.24
CA LEU A 188 4.61 12.86 -2.36
C LEU A 188 3.11 13.04 -2.55
N ALA A 189 2.45 13.48 -1.48
CA ALA A 189 1.01 13.64 -1.47
C ALA A 189 0.58 15.01 -0.98
N ASP A 190 -0.67 15.37 -1.28
CA ASP A 190 -1.21 16.66 -0.85
C ASP A 190 -1.66 16.61 0.59
N GLU A 191 -2.07 15.43 1.04
CA GLU A 191 -2.60 15.25 2.39
C GLU A 191 -2.00 14.08 3.17
N VAL A 192 -1.96 14.22 4.48
CA VAL A 192 -1.48 13.16 5.35
C VAL A 192 -2.60 12.83 6.33
N LEU A 193 -2.86 11.53 6.48
CA LEU A 193 -3.91 11.09 7.38
C LEU A 193 -3.28 10.56 8.65
N ILE A 194 -3.77 11.02 9.79
CA ILE A 194 -3.28 10.56 11.08
C ILE A 194 -4.41 9.74 11.66
N PHE A 195 -4.46 8.47 11.25
CA PHE A 195 -5.48 7.53 11.69
C PHE A 195 -4.81 6.44 12.53
N PRO A 196 -5.57 5.79 13.41
CA PRO A 196 -5.04 4.72 14.28
C PRO A 196 -4.79 3.37 13.61
N SER A 197 -3.63 2.79 13.89
CA SER A 197 -3.27 1.47 13.35
C SER A 197 -2.86 0.58 14.51
N ILE A 198 -2.69 1.19 15.68
CA ILE A 198 -2.29 0.49 16.90
C ILE A 198 -3.38 0.55 17.96
N LEU A 199 -3.60 -0.56 18.64
CA LEU A 199 -4.61 -0.63 19.68
C LEU A 199 -4.27 0.35 20.79
N LEU A 200 -5.28 1.07 21.26
CA LEU A 200 -5.09 2.03 22.35
C LEU A 200 -5.62 1.41 23.64
N GLN A 201 -4.88 1.59 24.71
CA GLN A 201 -5.28 1.05 26.00
C GLN A 201 -6.14 2.07 26.75
N ALA A 202 -6.86 1.60 27.76
CA ALA A 202 -7.69 2.51 28.55
C ALA A 202 -6.79 3.60 29.11
N GLY A 203 -7.27 4.83 29.09
CA GLY A 203 -6.50 5.95 29.61
C GLY A 203 -5.66 6.71 28.60
N SER A 204 -5.62 6.23 27.36
CA SER A 204 -4.82 6.86 26.32
C SER A 204 -5.61 7.85 25.46
N GLU A 205 -6.63 8.48 26.06
CA GLU A 205 -7.46 9.43 25.35
C GLU A 205 -6.71 10.54 24.62
N LYS A 206 -5.64 11.05 25.24
CA LYS A 206 -4.84 12.12 24.66
C LYS A 206 -4.20 11.71 23.33
N TYR A 207 -4.13 10.41 23.09
CA TYR A 207 -3.50 9.89 21.87
C TYR A 207 -4.51 9.24 20.92
N ALA A 208 -5.76 9.13 21.36
CA ALA A 208 -6.82 8.52 20.56
C ALA A 208 -7.44 9.56 19.64
N LEU A 209 -6.76 9.85 18.54
CA LEU A 209 -7.22 10.86 17.59
C LEU A 209 -7.17 10.38 16.15
N ALA A 210 -7.97 11.04 15.32
CA ALA A 210 -8.02 10.74 13.89
C ALA A 210 -8.27 12.08 13.21
N PHE A 211 -7.35 12.49 12.34
CA PHE A 211 -7.49 13.76 11.63
C PHE A 211 -6.66 13.76 10.35
N ALA A 212 -6.82 14.80 9.53
CA ALA A 212 -6.08 14.92 8.27
C ALA A 212 -5.53 16.32 8.10
N LEU A 213 -4.39 16.44 7.43
CA LEU A 213 -3.76 17.73 7.23
C LEU A 213 -3.03 17.86 5.90
N PRO A 214 -2.93 19.10 5.39
CA PRO A 214 -2.21 19.29 4.12
C PRO A 214 -0.75 18.99 4.50
N THR A 215 0.01 18.40 3.59
CA THR A 215 1.40 18.05 3.88
C THR A 215 2.36 19.23 4.03
N SER A 216 1.88 20.44 3.78
CA SER A 216 2.72 21.63 3.89
C SER A 216 2.42 22.40 5.18
N THR A 217 1.55 21.83 6.02
CA THR A 217 1.17 22.45 7.28
C THR A 217 2.38 22.82 8.14
N PRO A 218 2.43 24.07 8.65
CA PRO A 218 3.54 24.51 9.48
C PRO A 218 3.71 23.62 10.72
N GLY A 219 4.95 23.23 11.00
CA GLY A 219 5.22 22.39 12.16
C GLY A 219 5.29 20.92 11.81
N LEU A 220 4.82 20.58 10.62
CA LEU A 220 4.82 19.20 10.14
C LEU A 220 6.08 18.96 9.31
N HIS A 221 6.83 17.90 9.64
CA HIS A 221 8.06 17.60 8.92
C HIS A 221 8.14 16.13 8.57
N PHE A 222 8.53 15.84 7.32
CA PHE A 222 8.70 14.47 6.84
C PHE A 222 10.19 14.25 6.63
N VAL A 223 10.78 13.35 7.41
CA VAL A 223 12.21 13.08 7.30
C VAL A 223 12.46 11.76 6.58
N CYS A 224 13.11 11.85 5.42
CA CYS A 224 13.42 10.68 4.59
C CYS A 224 14.51 9.74 5.05
N ARG A 225 14.38 8.48 4.66
CA ARG A 225 15.40 7.50 4.96
C ARG A 225 16.25 7.43 3.70
N GLU A 226 17.20 6.48 3.66
CA GLU A 226 18.09 6.31 2.52
C GLU A 226 17.35 6.21 1.19
N ALA A 227 17.77 6.99 0.19
CA ALA A 227 17.14 6.93 -1.12
C ALA A 227 17.52 5.60 -1.78
N LEU A 228 16.56 4.93 -2.41
CA LEU A 228 16.83 3.65 -3.05
C LEU A 228 16.68 3.71 -4.57
N VAL A 229 16.62 4.93 -5.12
CA VAL A 229 16.48 5.11 -6.56
C VAL A 229 17.65 4.52 -7.34
N GLY A 230 18.87 4.80 -6.91
CA GLY A 230 20.03 4.26 -7.61
C GLY A 230 20.43 4.95 -8.90
N GLY A 231 19.50 5.07 -9.84
CA GLY A 231 19.82 5.72 -11.10
C GLY A 231 18.59 5.95 -11.95
N ASP A 232 18.73 6.77 -12.99
CA ASP A 232 17.61 7.06 -13.87
C ASP A 232 17.50 6.13 -15.08
N SER A 233 18.54 5.38 -15.36
CA SER A 233 18.52 4.45 -16.50
C SER A 233 17.48 3.35 -16.35
N PRO A 234 16.56 3.25 -17.31
CA PRO A 234 15.52 2.22 -17.28
C PRO A 234 16.14 0.83 -17.42
N PHE A 235 17.27 0.76 -18.12
CA PHE A 235 17.96 -0.51 -18.33
C PHE A 235 18.62 -0.98 -17.04
N ASP A 236 19.39 -0.10 -16.41
CA ASP A 236 20.10 -0.43 -15.17
C ASP A 236 19.20 -0.50 -13.95
N HIS A 237 18.18 0.35 -13.90
CA HIS A 237 17.27 0.40 -12.75
C HIS A 237 15.84 0.51 -13.25
N PRO A 238 15.34 -0.56 -13.87
CA PRO A 238 13.97 -0.63 -14.42
C PRO A 238 12.84 -0.26 -13.47
N LEU A 239 12.99 -0.58 -12.18
CA LEU A 239 11.95 -0.26 -11.21
C LEU A 239 12.32 0.87 -10.24
N SER A 240 13.52 0.83 -9.66
CA SER A 240 13.89 1.86 -8.70
C SER A 240 13.91 3.27 -9.29
N SER A 241 14.12 3.38 -10.59
CA SER A 241 14.16 4.68 -11.24
C SER A 241 12.77 5.32 -11.35
N ARG A 242 11.72 4.53 -11.11
CA ARG A 242 10.38 5.07 -11.25
C ARG A 242 9.36 4.76 -10.16
N VAL A 243 9.59 3.71 -9.37
CA VAL A 243 8.61 3.35 -8.34
C VAL A 243 9.13 3.42 -6.89
N GLU A 244 10.13 4.27 -6.63
CA GLU A 244 10.67 4.40 -5.29
C GLU A 244 9.78 5.41 -4.53
N GLU A 245 8.81 4.88 -3.78
CA GLU A 245 7.85 5.71 -3.05
C GLU A 245 8.36 6.52 -1.87
N MET A 246 9.46 6.06 -1.25
CA MET A 246 10.06 6.70 -0.09
C MET A 246 9.27 6.47 1.20
N ASP A 247 9.99 6.36 2.32
CA ASP A 247 9.39 6.19 3.63
C ASP A 247 9.96 7.31 4.48
N CYS A 248 9.20 7.79 5.45
CA CYS A 248 9.70 8.88 6.28
C CYS A 248 9.15 8.92 7.68
N LEU A 249 9.91 9.60 8.54
CA LEU A 249 9.55 9.84 9.92
C LEU A 249 8.67 11.09 9.84
N VAL A 250 7.60 11.15 10.61
CA VAL A 250 6.73 12.33 10.57
C VAL A 250 6.74 13.04 11.91
N ILE A 251 7.22 14.28 11.91
CA ILE A 251 7.30 15.08 13.13
C ILE A 251 6.18 16.11 13.21
N PHE A 252 5.59 16.22 14.39
CA PHE A 252 4.53 17.20 14.65
C PHE A 252 5.02 18.15 15.74
N ASP A 253 5.39 19.35 15.32
CA ASP A 253 5.89 20.37 16.24
C ASP A 253 4.80 21.41 16.47
N ASP A 254 3.97 21.16 17.48
CA ASP A 254 2.86 22.03 17.83
C ASP A 254 2.04 22.41 16.60
N VAL A 255 1.57 21.39 15.90
CA VAL A 255 0.78 21.57 14.69
C VAL A 255 -0.67 21.85 15.00
N LEU A 256 -1.22 22.87 14.35
CA LEU A 256 -2.62 23.20 14.56
C LEU A 256 -3.50 22.44 13.59
N VAL A 257 -4.48 21.72 14.13
CA VAL A 257 -5.40 20.97 13.32
C VAL A 257 -6.76 21.65 13.44
N PRO A 258 -7.25 22.26 12.35
CA PRO A 258 -8.55 22.93 12.36
C PRO A 258 -9.64 21.95 12.76
N TRP A 259 -10.67 22.42 13.46
CA TRP A 259 -11.76 21.55 13.88
C TRP A 259 -12.40 20.79 12.72
N GLU A 260 -12.47 21.42 11.56
CA GLU A 260 -13.08 20.79 10.38
C GLU A 260 -12.32 19.53 9.94
N ARG A 261 -11.07 19.39 10.37
CA ARG A 261 -10.26 18.25 9.99
C ARG A 261 -10.14 17.18 11.08
N VAL A 262 -10.95 17.30 12.12
CA VAL A 262 -10.92 16.35 13.22
C VAL A 262 -12.05 15.32 13.02
N PHE A 263 -11.69 14.04 13.08
CA PHE A 263 -12.68 12.98 12.87
C PHE A 263 -12.97 12.19 14.15
N ILE A 264 -11.95 12.05 14.99
CA ILE A 264 -12.07 11.38 16.27
C ILE A 264 -11.21 12.16 17.25
N LEU A 265 -11.75 12.47 18.42
CA LEU A 265 -11.03 13.20 19.44
C LEU A 265 -11.16 12.57 20.82
N GLY A 266 -10.03 12.15 21.37
CA GLY A 266 -10.00 11.55 22.70
C GLY A 266 -10.98 10.42 22.98
N ASN A 267 -11.15 9.52 22.02
CA ASN A 267 -12.06 8.40 22.22
C ASN A 267 -11.33 7.11 21.87
N VAL A 268 -10.91 6.38 22.91
CA VAL A 268 -10.19 5.13 22.76
C VAL A 268 -10.96 4.07 21.99
N GLU A 269 -12.20 3.81 22.41
CA GLU A 269 -13.01 2.80 21.75
C GLU A 269 -13.28 3.14 20.29
N LEU A 270 -13.61 4.39 20.00
CA LEU A 270 -13.90 4.79 18.63
C LEU A 270 -12.69 4.54 17.73
N CYS A 271 -11.50 4.86 18.22
CA CYS A 271 -10.29 4.63 17.43
C CYS A 271 -10.08 3.13 17.20
N ASN A 272 -10.14 2.35 18.28
CA ASN A 272 -9.93 0.91 18.18
C ASN A 272 -10.87 0.16 17.24
N ASN A 273 -12.09 0.66 17.08
CA ASN A 273 -13.06 -0.02 16.22
C ASN A 273 -13.33 0.69 14.89
N ALA A 274 -12.65 1.81 14.65
CA ALA A 274 -12.87 2.59 13.44
C ALA A 274 -12.80 1.82 12.12
N TYR A 275 -11.64 1.22 11.85
CA TYR A 275 -11.47 0.50 10.59
C TYR A 275 -12.45 -0.65 10.38
N GLY A 276 -12.73 -1.40 11.43
CA GLY A 276 -13.65 -2.51 11.28
C GLY A 276 -15.11 -2.11 11.18
N ALA A 277 -15.55 -1.21 12.05
CA ALA A 277 -16.95 -0.77 12.05
C ALA A 277 -17.36 -0.02 10.79
N THR A 278 -16.47 0.82 10.27
CA THR A 278 -16.77 1.60 9.08
C THR A 278 -16.66 0.81 7.79
N GLY A 279 -15.88 -0.27 7.82
CA GLY A 279 -15.69 -1.06 6.61
C GLY A 279 -14.43 -0.64 5.88
N ALA A 280 -13.68 0.30 6.46
CA ALA A 280 -12.45 0.77 5.84
C ALA A 280 -11.48 -0.41 5.72
N LEU A 281 -11.46 -1.26 6.74
CA LEU A 281 -10.58 -2.42 6.73
C LEU A 281 -10.86 -3.27 5.50
N ASN A 282 -12.15 -3.58 5.28
CA ASN A 282 -12.57 -4.41 4.15
C ASN A 282 -12.20 -3.79 2.80
N HIS A 283 -12.53 -2.52 2.61
CA HIS A 283 -12.23 -1.88 1.34
C HIS A 283 -10.74 -1.67 1.04
N MET A 284 -9.97 -1.34 2.07
CA MET A 284 -8.53 -1.15 1.85
C MET A 284 -7.90 -2.51 1.54
N ALA A 285 -8.38 -3.56 2.20
CA ALA A 285 -7.84 -4.91 1.97
C ALA A 285 -8.22 -5.41 0.58
N HIS A 286 -9.31 -4.86 0.03
CA HIS A 286 -9.78 -5.21 -1.31
C HIS A 286 -8.76 -4.64 -2.31
N GLN A 287 -8.31 -3.42 -2.07
CA GLN A 287 -7.30 -2.81 -2.94
C GLN A 287 -6.02 -3.65 -2.83
N VAL A 288 -5.70 -4.07 -1.61
CA VAL A 288 -4.50 -4.85 -1.37
C VAL A 288 -4.49 -6.19 -2.10
N VAL A 289 -5.59 -6.94 -2.06
CA VAL A 289 -5.61 -8.23 -2.73
C VAL A 289 -5.46 -8.06 -4.25
N ALA A 290 -6.07 -7.03 -4.80
CA ALA A 290 -5.95 -6.80 -6.25
C ALA A 290 -4.49 -6.46 -6.54
N LEU A 291 -3.91 -5.63 -5.69
CA LEU A 291 -2.51 -5.20 -5.83
C LEU A 291 -1.55 -6.39 -5.80
N LYS A 292 -1.73 -7.28 -4.81
CA LYS A 292 -0.84 -8.42 -4.70
C LYS A 292 -1.04 -9.44 -5.81
N THR A 293 -2.23 -9.45 -6.41
CA THR A 293 -2.48 -10.36 -7.52
C THR A 293 -1.64 -9.82 -8.68
N ALA A 294 -1.64 -8.50 -8.86
CA ALA A 294 -0.86 -7.88 -9.92
C ALA A 294 0.63 -8.11 -9.68
N LYS A 295 1.06 -8.01 -8.43
CA LYS A 295 2.46 -8.20 -8.11
C LYS A 295 2.90 -9.63 -8.43
N THR A 296 2.05 -10.59 -8.09
CA THR A 296 2.37 -11.99 -8.32
C THR A 296 2.40 -12.29 -9.81
N GLU A 297 1.53 -11.64 -10.57
CA GLU A 297 1.51 -11.82 -12.02
C GLU A 297 2.83 -11.35 -12.61
N ALA A 298 3.38 -10.27 -12.07
CA ALA A 298 4.65 -9.75 -12.56
C ALA A 298 5.76 -10.75 -12.29
N PHE A 299 5.79 -11.31 -11.08
CA PHE A 299 6.80 -12.29 -10.76
C PHE A 299 6.68 -13.53 -11.64
N LEU A 300 5.45 -13.93 -11.94
CA LEU A 300 5.23 -15.09 -12.79
C LEU A 300 5.80 -14.82 -14.17
N GLY A 301 5.52 -13.64 -14.70
CA GLY A 301 6.02 -13.27 -16.02
C GLY A 301 7.53 -13.25 -16.09
N VAL A 302 8.16 -12.66 -15.08
CA VAL A 302 9.63 -12.60 -15.06
C VAL A 302 10.22 -14.00 -14.90
N ALA A 303 9.68 -14.78 -13.98
CA ALA A 303 10.18 -16.14 -13.76
C ALA A 303 10.09 -16.96 -15.04
N ALA A 304 8.96 -16.85 -15.72
CA ALA A 304 8.74 -17.61 -16.96
C ALA A 304 9.72 -17.18 -18.05
N LEU A 305 9.91 -15.87 -18.19
CA LEU A 305 10.84 -15.36 -19.21
C LEU A 305 12.28 -15.71 -18.87
N MET A 306 12.63 -15.68 -17.59
CA MET A 306 13.98 -16.03 -17.17
C MET A 306 14.27 -17.48 -17.50
N ALA A 307 13.36 -18.37 -17.10
CA ALA A 307 13.53 -19.79 -17.34
C ALA A 307 13.68 -20.10 -18.83
N GLU A 308 12.80 -19.52 -19.65
CA GLU A 308 12.87 -19.75 -21.09
C GLU A 308 14.14 -19.13 -21.67
N GLY A 309 14.47 -17.92 -21.24
CA GLY A 309 15.64 -17.24 -21.75
C GLY A 309 16.97 -17.95 -21.56
N ILE A 310 17.10 -18.71 -20.47
CA ILE A 310 18.34 -19.43 -20.20
C ILE A 310 18.18 -20.93 -20.40
N GLY A 311 17.04 -21.34 -20.95
CA GLY A 311 16.78 -22.74 -21.20
C GLY A 311 16.61 -23.59 -19.96
N ALA A 312 16.35 -22.94 -18.83
CA ALA A 312 16.17 -23.63 -17.56
C ALA A 312 14.77 -24.23 -17.45
N ASP A 313 13.89 -23.86 -18.38
CA ASP A 313 12.53 -24.36 -18.37
C ASP A 313 12.43 -25.86 -18.66
N VAL A 314 13.53 -26.47 -19.07
CA VAL A 314 13.55 -27.89 -19.37
C VAL A 314 13.77 -28.70 -18.09
N TYR A 315 14.13 -28.00 -17.02
CA TYR A 315 14.38 -28.63 -15.74
C TYR A 315 13.09 -28.74 -14.93
N GLY A 316 12.80 -29.96 -14.47
CA GLY A 316 11.61 -30.20 -13.69
C GLY A 316 11.55 -29.28 -12.48
N HIS A 317 12.69 -29.12 -11.81
CA HIS A 317 12.79 -28.26 -10.62
C HIS A 317 12.33 -26.85 -10.89
N VAL A 318 12.72 -26.31 -12.04
CA VAL A 318 12.33 -24.95 -12.39
C VAL A 318 10.85 -24.86 -12.73
N GLN A 319 10.35 -25.86 -13.45
CA GLN A 319 8.93 -25.88 -13.82
C GLN A 319 8.10 -25.91 -12.54
N GLU A 320 8.55 -26.70 -11.57
CA GLU A 320 7.84 -26.82 -10.30
C GLU A 320 7.78 -25.51 -9.54
N LYS A 321 8.88 -24.75 -9.56
CA LYS A 321 8.92 -23.47 -8.87
C LYS A 321 7.97 -22.48 -9.54
N ILE A 322 7.90 -22.50 -10.87
CA ILE A 322 7.01 -21.60 -11.58
C ILE A 322 5.57 -22.01 -11.30
N ALA A 323 5.31 -23.31 -11.24
CA ALA A 323 3.97 -23.80 -10.94
C ALA A 323 3.57 -23.37 -9.52
N GLU A 324 4.55 -23.26 -8.63
CA GLU A 324 4.30 -22.84 -7.26
C GLU A 324 3.82 -21.39 -7.28
N ILE A 325 4.44 -20.57 -8.12
CA ILE A 325 4.03 -19.17 -8.22
C ILE A 325 2.61 -19.15 -8.78
N ILE A 326 2.31 -20.04 -9.72
CA ILE A 326 0.97 -20.11 -10.29
C ILE A 326 -0.07 -20.47 -9.23
N VAL A 327 0.27 -21.40 -8.34
CA VAL A 327 -0.66 -21.77 -7.27
C VAL A 327 -0.95 -20.56 -6.39
N TYR A 328 0.08 -19.80 -6.04
CA TYR A 328 -0.09 -18.61 -5.21
C TYR A 328 -0.92 -17.55 -5.93
N LEU A 329 -0.70 -17.39 -7.23
CA LEU A 329 -1.46 -16.41 -8.02
C LEU A 329 -2.93 -16.80 -7.99
N GLU A 330 -3.21 -18.08 -8.18
CA GLU A 330 -4.59 -18.53 -8.17
C GLU A 330 -5.21 -18.37 -6.77
N ALA A 331 -4.42 -18.58 -5.72
CA ALA A 331 -4.93 -18.41 -4.37
C ALA A 331 -5.39 -16.96 -4.17
N MET A 332 -4.56 -16.02 -4.60
CA MET A 332 -4.90 -14.61 -4.44
C MET A 332 -6.11 -14.23 -5.28
N ARG A 333 -6.21 -14.76 -6.50
CA ARG A 333 -7.37 -14.48 -7.35
C ARG A 333 -8.63 -15.03 -6.68
N ALA A 334 -8.50 -16.18 -6.04
CA ALA A 334 -9.62 -16.82 -5.36
C ALA A 334 -10.11 -15.96 -4.19
N PHE A 335 -9.19 -15.47 -3.37
CA PHE A 335 -9.56 -14.61 -2.24
C PHE A 335 -10.28 -13.37 -2.74
N TRP A 336 -9.76 -12.80 -3.82
CA TRP A 336 -10.32 -11.60 -4.42
C TRP A 336 -11.75 -11.89 -4.90
N THR A 337 -11.95 -12.98 -5.63
CA THR A 337 -13.28 -13.34 -6.11
C THR A 337 -14.26 -13.55 -4.96
N ARG A 338 -13.86 -14.33 -3.95
CA ARG A 338 -14.77 -14.58 -2.85
C ARG A 338 -15.07 -13.32 -2.03
N ALA A 339 -14.09 -12.44 -1.93
CA ALA A 339 -14.28 -11.20 -1.18
C ALA A 339 -15.44 -10.41 -1.79
N GLU A 340 -15.52 -10.41 -3.12
CA GLU A 340 -16.58 -9.68 -3.80
C GLU A 340 -17.90 -10.44 -3.82
N GLU A 341 -17.85 -11.74 -4.11
CA GLU A 341 -19.06 -12.55 -4.20
C GLU A 341 -19.81 -12.72 -2.87
N GLU A 342 -19.08 -12.68 -1.76
CA GLU A 342 -19.69 -12.84 -0.44
C GLU A 342 -19.95 -11.51 0.27
N ALA A 343 -19.77 -10.40 -0.45
CA ALA A 343 -19.98 -9.08 0.13
C ALA A 343 -21.39 -8.90 0.71
N LYS A 344 -21.45 -8.19 1.83
CA LYS A 344 -22.71 -7.91 2.51
C LYS A 344 -22.64 -6.51 3.11
N GLU A 345 -23.80 -5.93 3.42
CA GLU A 345 -23.81 -4.59 4.00
C GLU A 345 -23.49 -4.61 5.49
N ASN A 346 -22.76 -3.59 5.95
CA ASN A 346 -22.41 -3.51 7.36
C ASN A 346 -23.51 -2.76 8.12
N ALA A 347 -23.25 -2.46 9.38
CA ALA A 347 -24.23 -1.77 10.23
C ALA A 347 -24.68 -0.41 9.71
N TYR A 348 -23.88 0.19 8.84
CA TYR A 348 -24.22 1.51 8.30
C TYR A 348 -24.80 1.45 6.90
N GLY A 349 -25.05 0.24 6.41
CA GLY A 349 -25.61 0.07 5.09
C GLY A 349 -24.59 0.08 3.97
N LEU A 350 -23.30 0.07 4.34
CA LEU A 350 -22.24 0.07 3.33
C LEU A 350 -21.90 -1.35 2.91
N LEU A 351 -21.95 -1.61 1.61
CA LEU A 351 -21.60 -2.93 1.12
C LEU A 351 -20.09 -3.08 1.30
N VAL A 352 -19.68 -4.14 2.00
CA VAL A 352 -18.26 -4.38 2.23
C VAL A 352 -17.84 -5.78 1.81
N PRO A 353 -16.67 -5.89 1.16
CA PRO A 353 -16.20 -7.22 0.73
C PRO A 353 -15.97 -8.11 1.94
N ASP A 354 -16.17 -9.41 1.74
CA ASP A 354 -16.03 -10.40 2.81
C ASP A 354 -14.70 -10.35 3.59
N ARG A 355 -14.79 -10.18 4.91
CA ARG A 355 -13.58 -10.10 5.71
C ARG A 355 -12.83 -11.44 5.83
N GLY A 356 -13.57 -12.55 5.82
CA GLY A 356 -12.90 -13.84 5.91
C GLY A 356 -11.92 -14.03 4.77
N ALA A 357 -12.36 -13.74 3.55
CA ALA A 357 -11.53 -13.89 2.38
C ALA A 357 -10.37 -12.90 2.40
N LEU A 358 -10.64 -11.66 2.80
CA LEU A 358 -9.60 -10.65 2.86
C LEU A 358 -8.61 -10.88 3.99
N ASP A 359 -9.09 -11.45 5.10
CA ASP A 359 -8.19 -11.76 6.22
C ASP A 359 -7.28 -12.90 5.77
N GLY A 360 -7.85 -13.83 4.99
CA GLY A 360 -7.04 -14.93 4.49
C GLY A 360 -5.94 -14.39 3.57
N ALA A 361 -6.33 -13.51 2.65
CA ALA A 361 -5.37 -12.95 1.70
C ALA A 361 -4.26 -12.13 2.36
N ARG A 362 -4.65 -11.23 3.27
CA ARG A 362 -3.65 -10.37 3.89
C ARG A 362 -2.80 -11.05 4.95
N ASN A 363 -3.22 -12.22 5.42
CA ASN A 363 -2.42 -12.95 6.39
C ASN A 363 -1.60 -14.04 5.73
N LEU A 364 -1.95 -14.39 4.49
CA LEU A 364 -1.19 -15.41 3.77
C LEU A 364 -0.12 -14.80 2.88
N TYR A 365 -0.43 -13.71 2.19
CA TYR A 365 0.56 -13.13 1.28
C TYR A 365 1.88 -12.73 1.92
N PRO A 366 1.87 -12.23 3.17
CA PRO A 366 3.16 -11.87 3.77
C PRO A 366 4.09 -13.08 3.90
N ARG A 367 3.51 -14.28 3.86
CA ARG A 367 4.29 -15.51 3.95
C ARG A 367 4.65 -15.99 2.55
N LEU A 368 3.75 -15.79 1.59
CA LEU A 368 3.99 -16.21 0.22
C LEU A 368 5.04 -15.35 -0.48
N TYR A 369 5.01 -14.04 -0.24
CA TYR A 369 5.94 -13.15 -0.92
C TYR A 369 7.43 -13.48 -0.78
N PRO A 370 7.90 -13.73 0.45
CA PRO A 370 9.33 -14.05 0.58
C PRO A 370 9.70 -15.29 -0.23
N ARG A 371 8.75 -16.22 -0.37
CA ARG A 371 9.01 -17.44 -1.13
C ARG A 371 9.01 -17.15 -2.64
N ILE A 372 8.11 -16.27 -3.08
CA ILE A 372 8.04 -15.89 -4.48
C ILE A 372 9.37 -15.21 -4.85
N ARG A 373 9.85 -14.36 -3.95
CA ARG A 373 11.13 -13.66 -4.15
C ARG A 373 12.27 -14.68 -4.22
N GLU A 374 12.26 -15.63 -3.29
CA GLU A 374 13.27 -16.68 -3.25
C GLU A 374 13.29 -17.48 -4.55
N ILE A 375 12.11 -17.82 -5.06
CA ILE A 375 12.02 -18.56 -6.31
C ILE A 375 12.73 -17.83 -7.44
N LEU A 376 12.54 -16.51 -7.55
CA LEU A 376 13.21 -15.77 -8.60
C LEU A 376 14.72 -15.86 -8.42
N GLU A 377 15.17 -15.77 -7.17
CA GLU A 377 16.61 -15.87 -6.90
C GLU A 377 17.16 -17.24 -7.29
N GLN A 378 16.36 -18.27 -7.05
CA GLN A 378 16.77 -19.63 -7.34
C GLN A 378 16.82 -19.92 -8.84
N ILE A 379 15.97 -19.23 -9.61
CA ILE A 379 15.97 -19.42 -11.06
C ILE A 379 17.12 -18.64 -11.68
N GLY A 380 17.30 -17.38 -11.27
CA GLY A 380 18.37 -16.57 -11.82
C GLY A 380 19.75 -16.98 -11.33
N ALA A 381 19.81 -17.43 -10.07
CA ALA A 381 21.06 -17.86 -9.46
C ALA A 381 22.17 -16.82 -9.56
N SER A 382 23.41 -17.28 -9.73
CA SER A 382 24.54 -16.36 -9.80
C SER A 382 24.44 -15.41 -10.99
N GLY A 383 23.58 -15.74 -11.95
CA GLY A 383 23.43 -14.88 -13.11
C GLY A 383 22.89 -13.51 -12.75
N LEU A 384 22.34 -13.39 -11.54
CA LEU A 384 21.76 -12.13 -11.07
C LEU A 384 22.79 -11.24 -10.39
N ILE A 385 23.96 -11.78 -10.08
CA ILE A 385 24.99 -11.05 -9.35
C ILE A 385 26.12 -10.39 -10.14
N THR A 386 26.16 -10.59 -11.45
CA THR A 386 27.23 -10.02 -12.26
C THR A 386 26.72 -9.29 -13.50
N LEU A 387 25.61 -8.57 -13.35
CA LEU A 387 25.01 -7.85 -14.47
C LEU A 387 25.66 -6.51 -14.78
N PRO A 388 26.19 -6.35 -15.99
CA PRO A 388 26.85 -5.11 -16.40
C PRO A 388 25.82 -4.01 -16.66
N SER A 389 26.32 -2.79 -16.89
CA SER A 389 25.47 -1.64 -17.15
C SER A 389 25.27 -1.41 -18.64
N GLU A 390 24.28 -0.62 -18.99
CA GLU A 390 24.03 -0.31 -20.39
C GLU A 390 25.30 0.39 -20.88
N LYS A 391 25.99 1.08 -19.98
CA LYS A 391 27.21 1.80 -20.32
C LYS A 391 28.32 0.86 -20.78
N ASP A 392 28.30 -0.38 -20.28
CA ASP A 392 29.31 -1.34 -20.69
C ASP A 392 29.01 -1.85 -22.10
N PHE A 393 27.72 -1.96 -22.42
CA PHE A 393 27.34 -2.40 -23.76
C PHE A 393 27.67 -1.31 -24.77
N LYS A 394 27.56 -0.06 -24.32
CA LYS A 394 27.85 1.10 -25.18
C LYS A 394 29.34 1.43 -25.23
N GLY A 395 30.11 0.83 -24.32
CA GLY A 395 31.53 1.09 -24.27
C GLY A 395 32.38 0.22 -25.18
N PRO A 396 33.71 0.39 -25.13
CA PRO A 396 34.68 -0.37 -25.93
C PRO A 396 34.53 -1.89 -25.90
N LEU A 397 34.08 -2.43 -24.77
CA LEU A 397 33.93 -3.88 -24.65
C LEU A 397 32.55 -4.38 -25.04
N GLY A 398 31.70 -3.48 -25.55
CA GLY A 398 30.37 -3.87 -25.95
C GLY A 398 30.34 -5.12 -26.82
N PRO A 399 31.17 -5.20 -27.87
CA PRO A 399 31.18 -6.38 -28.73
C PRO A 399 31.43 -7.68 -27.98
N PHE A 400 32.31 -7.64 -26.97
CA PHE A 400 32.60 -8.82 -26.17
C PHE A 400 31.37 -9.21 -25.36
N LEU A 401 30.71 -8.21 -24.77
CA LEU A 401 29.52 -8.47 -23.97
C LEU A 401 28.42 -9.11 -24.81
N GLU A 402 28.26 -8.64 -26.05
CA GLU A 402 27.23 -9.19 -26.90
C GLU A 402 27.53 -10.64 -27.27
N LYS A 403 28.81 -10.99 -27.27
CA LYS A 403 29.20 -12.35 -27.60
C LYS A 403 29.22 -13.29 -26.39
N PHE A 404 29.45 -12.75 -25.20
CA PHE A 404 29.54 -13.57 -23.99
C PHE A 404 28.37 -13.55 -23.00
N LEU A 405 27.44 -12.61 -23.14
CA LEU A 405 26.34 -12.55 -22.19
C LEU A 405 24.98 -13.00 -22.71
N GLN A 406 25.01 -13.88 -23.71
CA GLN A 406 23.77 -14.41 -24.28
C GLN A 406 23.12 -15.43 -23.36
N GLY A 407 21.83 -15.67 -23.60
CA GLY A 407 21.12 -16.68 -22.84
C GLY A 407 20.91 -17.80 -23.84
N ALA A 408 20.56 -18.99 -23.37
CA ALA A 408 20.33 -20.12 -24.27
C ALA A 408 19.33 -19.78 -25.37
N ALA A 409 18.49 -18.77 -25.12
CA ALA A 409 17.48 -18.37 -26.09
C ALA A 409 17.27 -16.86 -26.08
N LEU A 410 18.32 -16.12 -25.73
CA LEU A 410 18.23 -14.66 -25.68
C LEU A 410 19.52 -13.97 -26.08
N GLU A 411 19.40 -12.81 -26.72
CA GLU A 411 20.59 -12.05 -27.08
C GLU A 411 21.05 -11.39 -25.78
N ALA A 412 22.29 -10.93 -25.74
CA ALA A 412 22.87 -10.31 -24.55
C ALA A 412 22.09 -9.15 -23.92
N LYS A 413 21.80 -8.12 -24.71
CA LYS A 413 21.07 -6.97 -24.19
C LYS A 413 19.72 -7.37 -23.61
N GLU A 414 19.03 -8.28 -24.30
CA GLU A 414 17.73 -8.73 -23.83
C GLU A 414 17.84 -9.50 -22.53
N ARG A 415 18.84 -10.38 -22.43
CA ARG A 415 18.99 -11.15 -21.20
C ARG A 415 19.34 -10.24 -20.03
N VAL A 416 20.28 -9.33 -20.24
CA VAL A 416 20.66 -8.43 -19.15
C VAL A 416 19.53 -7.49 -18.75
N ALA A 417 18.74 -7.03 -19.71
CA ALA A 417 17.62 -6.16 -19.40
C ALA A 417 16.65 -6.90 -18.48
N LEU A 418 16.37 -8.15 -18.84
CA LEU A 418 15.46 -9.00 -18.08
C LEU A 418 16.00 -9.33 -16.69
N PHE A 419 17.27 -9.73 -16.62
CA PHE A 419 17.86 -10.08 -15.34
C PHE A 419 18.02 -8.85 -14.44
N ARG A 420 18.21 -7.68 -15.05
CA ARG A 420 18.33 -6.45 -14.29
C ARG A 420 16.98 -6.18 -13.63
N LEU A 421 15.90 -6.50 -14.34
CA LEU A 421 14.55 -6.32 -13.79
C LEU A 421 14.36 -7.32 -12.64
N ALA A 422 14.72 -8.58 -12.88
CA ALA A 422 14.58 -9.60 -11.83
C ALA A 422 15.38 -9.18 -10.61
N TRP A 423 16.57 -8.63 -10.84
CA TRP A 423 17.44 -8.16 -9.76
C TRP A 423 16.79 -7.00 -9.00
N ASP A 424 16.21 -6.05 -9.75
CA ASP A 424 15.59 -4.89 -9.13
C ASP A 424 14.34 -5.27 -8.34
N MET A 425 13.75 -6.42 -8.68
CA MET A 425 12.55 -6.91 -8.01
C MET A 425 12.87 -7.71 -6.75
N THR A 426 14.15 -8.02 -6.56
CA THR A 426 14.55 -8.86 -5.44
C THR A 426 15.78 -8.51 -4.63
N LEU A 427 16.87 -8.19 -5.31
CA LEU A 427 18.15 -7.95 -4.66
C LEU A 427 18.70 -6.54 -4.58
N SER A 428 18.14 -5.60 -5.34
CA SER A 428 18.63 -4.24 -5.22
C SER A 428 18.09 -3.72 -3.89
N GLY A 429 18.58 -2.57 -3.44
CA GLY A 429 18.08 -2.02 -2.19
C GLY A 429 16.56 -1.83 -2.31
N PHE A 430 16.12 -1.45 -3.50
CA PHE A 430 14.71 -1.25 -3.76
C PHE A 430 13.95 -2.57 -3.65
N GLY A 431 14.48 -3.60 -4.32
CA GLY A 431 13.84 -4.91 -4.30
C GLY A 431 13.80 -5.53 -2.93
N ALA A 432 14.89 -5.43 -2.18
CA ALA A 432 14.93 -6.00 -0.84
C ALA A 432 13.95 -5.27 0.07
N ARG A 433 13.82 -3.96 -0.09
CA ARG A 433 12.87 -3.22 0.72
C ARG A 433 11.47 -3.78 0.49
N GLN A 434 11.14 -4.11 -0.76
CA GLN A 434 9.82 -4.65 -1.08
C GLN A 434 9.51 -5.88 -0.22
N GLU A 435 10.54 -6.67 0.08
CA GLU A 435 10.34 -7.87 0.90
C GLU A 435 9.93 -7.47 2.32
N LEU A 436 10.69 -6.58 2.94
CA LEU A 436 10.38 -6.13 4.30
C LEU A 436 8.99 -5.50 4.29
N TYR A 437 8.72 -4.70 3.27
CA TYR A 437 7.43 -4.05 3.14
C TYR A 437 6.27 -5.05 3.12
N GLU A 438 6.39 -6.10 2.32
CA GLU A 438 5.31 -7.09 2.25
C GLU A 438 5.12 -7.81 3.59
N ARG A 439 6.21 -8.04 4.30
CA ARG A 439 6.13 -8.72 5.59
C ARG A 439 5.39 -7.92 6.65
N PHE A 440 5.50 -6.60 6.59
CA PHE A 440 4.92 -5.75 7.63
C PHE A 440 3.96 -4.60 7.34
N PHE A 441 3.76 -4.22 6.07
CA PHE A 441 2.91 -3.06 5.83
C PHE A 441 1.53 -3.06 6.47
N PHE A 442 0.87 -4.23 6.54
CA PHE A 442 -0.46 -4.29 7.12
C PHE A 442 -0.44 -4.50 8.64
N GLY A 443 0.76 -4.72 9.18
CA GLY A 443 0.89 -4.91 10.62
C GLY A 443 1.84 -6.06 10.96
N ASP A 444 2.14 -6.21 12.24
CA ASP A 444 3.00 -7.27 12.71
C ASP A 444 2.21 -8.57 12.57
N PRO A 445 2.74 -9.56 11.83
CA PRO A 445 2.03 -10.83 11.64
C PRO A 445 1.58 -11.49 12.94
N VAL A 446 2.38 -11.39 13.98
CA VAL A 446 2.02 -11.98 15.27
C VAL A 446 0.71 -11.38 15.78
N ARG A 447 0.62 -10.05 15.74
CA ARG A 447 -0.58 -9.35 16.18
C ARG A 447 -1.73 -9.62 15.23
N MET A 448 -1.44 -9.65 13.93
CA MET A 448 -2.48 -9.90 12.95
C MET A 448 -3.12 -11.27 13.11
N TYR A 449 -2.30 -12.28 13.39
CA TYR A 449 -2.82 -13.63 13.57
C TYR A 449 -3.62 -13.72 14.88
N GLN A 450 -3.17 -13.03 15.92
CA GLN A 450 -3.89 -13.05 17.18
C GLN A 450 -5.23 -12.33 16.99
N THR A 451 -5.24 -11.27 16.19
CA THR A 451 -6.47 -10.54 15.92
C THR A 451 -7.44 -11.45 15.15
N LEU A 452 -6.92 -12.18 14.17
CA LEU A 452 -7.76 -13.09 13.40
C LEU A 452 -8.37 -14.15 14.30
N TYR A 453 -7.57 -14.69 15.21
CA TYR A 453 -8.06 -15.70 16.13
C TYR A 453 -9.22 -15.18 16.97
N ASN A 454 -9.05 -13.97 17.50
CA ASN A 454 -10.07 -13.38 18.35
C ASN A 454 -11.38 -12.97 17.67
N VAL A 455 -11.29 -12.48 16.44
CA VAL A 455 -12.49 -12.04 15.74
C VAL A 455 -13.27 -13.15 15.00
N TYR A 456 -12.58 -14.23 14.66
CA TYR A 456 -13.21 -15.31 13.92
C TYR A 456 -14.23 -16.13 14.72
N ASN A 457 -15.39 -16.37 14.11
CA ASN A 457 -16.42 -17.17 14.77
C ASN A 457 -16.06 -18.64 14.61
N LYS A 458 -15.52 -19.23 15.66
CA LYS A 458 -15.12 -20.63 15.65
C LYS A 458 -16.20 -21.56 16.16
N GLU A 459 -17.32 -21.01 16.59
CA GLU A 459 -18.39 -21.83 17.16
C GLU A 459 -19.01 -22.92 16.29
N PRO A 460 -19.24 -22.65 14.99
CA PRO A 460 -19.83 -23.70 14.15
C PRO A 460 -19.01 -24.99 14.13
N TYR A 461 -17.69 -24.84 14.11
CA TYR A 461 -16.78 -25.97 14.05
C TYR A 461 -16.68 -26.68 15.39
N LYS A 462 -16.66 -25.89 16.47
CA LYS A 462 -16.61 -26.46 17.81
C LYS A 462 -17.89 -27.25 18.05
N GLU A 463 -19.01 -26.72 17.58
CA GLU A 463 -20.30 -27.39 17.75
C GLU A 463 -20.34 -28.71 16.99
N ARG A 464 -19.79 -28.73 15.78
CA ARG A 464 -19.80 -29.95 14.97
C ARG A 464 -19.00 -31.04 15.67
N ILE A 465 -17.88 -30.66 16.28
CA ILE A 465 -17.04 -31.64 16.98
C ILE A 465 -17.75 -32.11 18.26
N HIS A 466 -18.37 -31.20 18.97
CA HIS A 466 -19.09 -31.56 20.19
C HIS A 466 -20.17 -32.58 19.84
N ALA A 467 -20.87 -32.33 18.73
CA ALA A 467 -21.91 -33.24 18.28
C ALA A 467 -21.32 -34.60 17.94
N PHE A 468 -20.18 -34.59 17.26
CA PHE A 468 -19.54 -35.83 16.87
C PHE A 468 -19.07 -36.65 18.06
N LEU A 469 -18.71 -35.96 19.14
CA LEU A 469 -18.23 -36.63 20.36
C LEU A 469 -19.33 -37.18 21.24
N LYS A 470 -20.59 -36.93 20.90
CA LYS A 470 -21.69 -37.45 21.72
C LYS A 470 -21.61 -38.97 21.80
N GLU A 471 -21.30 -39.61 20.68
CA GLU A 471 -21.19 -41.06 20.65
C GLU A 471 -20.05 -41.56 21.52
N SER A 472 -19.00 -40.75 21.66
CA SER A 472 -17.86 -41.13 22.48
C SER A 472 -18.25 -41.19 23.95
N LEU A 473 -18.92 -40.15 24.43
CA LEU A 473 -19.34 -40.08 25.82
C LEU A 473 -20.51 -40.99 26.15
N LYS A 474 -21.21 -41.45 25.12
CA LYS A 474 -22.37 -42.33 25.32
C LYS A 474 -21.97 -43.72 25.81
N VAL A 475 -20.71 -44.10 25.62
CA VAL A 475 -20.26 -45.42 26.04
C VAL A 475 -20.36 -45.59 27.56
N PHE A 476 -20.44 -44.48 28.28
CA PHE A 476 -20.52 -44.54 29.73
C PHE A 476 -21.96 -44.64 30.25
N GLU A 477 -22.92 -44.52 29.34
CA GLU A 477 -24.32 -44.60 29.71
C GLU A 477 -24.69 -46.03 30.11
#